data_4FKY
#
_entry.id   4FKY
#
_cell.length_a   71.680
_cell.length_b   121.490
_cell.length_c   112.830
_cell.angle_alpha   90.000
_cell.angle_beta   90.000
_cell.angle_gamma   90.000
#
_symmetry.space_group_name_H-M   'C 2 2 21'
#
loop_
_entity.id
_entity.type
_entity.pdbx_description
1 polymer 'Nucleoside diphosphate kinase'
2 non-polymer "GUANOSINE-5'-DIPHOSPHATE"
3 non-polymer 'MAGNESIUM ION'
4 non-polymer (4S)-2-METHYL-2,4-PENTANEDIOL
5 water water
#
_entity_poly.entity_id   1
_entity_poly.type   'polypeptide(L)'
_entity_poly.pdbx_seq_one_letter_code
;MAHHHHHHMPSERTFIAVKPDGVQRNLVGEIIKRFENKGYKLVGLKLLQPTEEQAKQHYIDLASKPFYSGLVSYFSSGPI
VGMVWEGLGVVKGGRVLLGATNPADSLPGTIRGDFAVDVGRNVCHGSDSVESAKREIAFWFKAEELVSWTSHSVKQIYER
A
;
_entity_poly.pdbx_strand_id   A,B,C
#
loop_
_chem_comp.id
_chem_comp.type
_chem_comp.name
_chem_comp.formula
GDP RNA linking GUANOSINE-5'-DIPHOSPHATE 'C10 H15 N5 O11 P2'
MG non-polymer 'MAGNESIUM ION' 'Mg 2'
MPD non-polymer (4S)-2-METHYL-2,4-PENTANEDIOL 'C6 H14 O2'
#
# COMPACT_ATOMS: atom_id res chain seq x y z
N MET A 9 -11.53 17.84 2.58
CA MET A 9 -10.67 17.57 3.77
C MET A 9 -10.04 16.17 3.66
N PRO A 10 -8.75 16.04 4.06
CA PRO A 10 -8.05 14.74 4.21
C PRO A 10 -8.69 13.76 5.22
N SER A 11 -9.63 14.21 6.05
CA SER A 11 -10.35 13.34 7.01
C SER A 11 -11.54 12.58 6.39
N GLU A 12 -11.79 12.74 5.09
CA GLU A 12 -12.81 11.91 4.41
C GLU A 12 -12.51 10.45 4.61
N ARG A 13 -13.55 9.63 4.74
CA ARG A 13 -13.36 8.18 4.86
C ARG A 13 -14.24 7.41 3.89
N THR A 14 -13.78 6.20 3.57
CA THR A 14 -14.54 5.29 2.73
C THR A 14 -14.50 3.87 3.26
N PHE A 15 -15.51 3.08 2.89
CA PHE A 15 -15.58 1.66 3.22
C PHE A 15 -15.17 0.85 1.98
N ILE A 16 -14.16 -0.02 2.18
CA ILE A 16 -13.65 -0.94 1.17
C ILE A 16 -13.75 -2.35 1.74
N ALA A 17 -14.21 -3.29 0.93
CA ALA A 17 -14.31 -4.66 1.42
C ALA A 17 -13.73 -5.57 0.35
N VAL A 18 -12.89 -6.51 0.75
CA VAL A 18 -12.50 -7.62 -0.10
C VAL A 18 -13.69 -8.61 -0.03
N LYS A 19 -14.32 -8.90 -1.16
CA LYS A 19 -15.51 -9.76 -1.18
C LYS A 19 -15.10 -11.21 -1.03
N PRO A 20 -16.06 -12.13 -0.85
CA PRO A 20 -15.64 -13.49 -0.55
C PRO A 20 -14.71 -14.15 -1.58
N ASP A 21 -14.87 -13.82 -2.86
CA ASP A 21 -13.99 -14.35 -3.90
C ASP A 21 -12.58 -13.79 -3.78
N GLY A 22 -12.45 -12.51 -3.41
CA GLY A 22 -11.16 -11.88 -3.16
C GLY A 22 -10.42 -12.52 -2.00
N VAL A 23 -11.14 -12.88 -0.93
CA VAL A 23 -10.53 -13.57 0.21
C VAL A 23 -10.07 -14.98 -0.19
N GLN A 24 -10.99 -15.73 -0.81
CA GLN A 24 -10.72 -17.06 -1.33
C GLN A 24 -9.51 -17.13 -2.27
N ARG A 25 -9.37 -16.14 -3.14
CA ARG A 25 -8.25 -16.05 -4.10
C ARG A 25 -7.03 -15.27 -3.59
N ASN A 26 -6.90 -15.08 -2.27
CA ASN A 26 -5.69 -14.57 -1.67
C ASN A 26 -5.27 -13.17 -2.17
N LEU A 27 -6.23 -12.25 -2.22
CA LEU A 27 -6.01 -10.89 -2.69
C LEU A 27 -6.13 -9.84 -1.58
N VAL A 28 -6.28 -10.27 -0.32
CA VAL A 28 -6.39 -9.32 0.79
C VAL A 28 -5.16 -8.43 0.94
N GLY A 29 -3.99 -9.04 1.02
CA GLY A 29 -2.72 -8.29 1.12
C GLY A 29 -2.48 -7.37 -0.05
N GLU A 30 -2.66 -7.90 -1.26
CA GLU A 30 -2.48 -7.10 -2.47
CA GLU A 30 -2.48 -7.11 -2.50
C GLU A 30 -3.38 -5.87 -2.46
N ILE A 31 -4.63 -6.04 -2.04
CA ILE A 31 -5.57 -4.91 -2.03
C ILE A 31 -5.16 -3.89 -0.98
N ILE A 32 -4.80 -4.36 0.21
CA ILE A 32 -4.38 -3.46 1.27
C ILE A 32 -3.13 -2.70 0.83
N LYS A 33 -2.17 -3.42 0.24
CA LYS A 33 -0.94 -2.83 -0.24
C LYS A 33 -1.21 -1.63 -1.18
N ARG A 34 -2.14 -1.81 -2.11
CA ARG A 34 -2.43 -0.74 -3.07
C ARG A 34 -2.95 0.52 -2.38
N PHE A 35 -3.82 0.38 -1.40
CA PHE A 35 -4.28 1.53 -0.62
C PHE A 35 -3.18 2.17 0.25
N GLU A 36 -2.34 1.34 0.90
CA GLU A 36 -1.20 1.87 1.65
C GLU A 36 -0.23 2.63 0.76
N ASN A 37 0.12 2.03 -0.38
CA ASN A 37 1.06 2.64 -1.33
C ASN A 37 0.61 4.03 -1.82
N LYS A 38 -0.70 4.17 -2.00
CA LYS A 38 -1.31 5.41 -2.50
C LYS A 38 -1.13 6.58 -1.52
N GLY A 39 -1.07 6.27 -0.22
CA GLY A 39 -1.01 7.30 0.82
C GLY A 39 -2.18 7.37 1.76
N TYR A 40 -3.18 6.52 1.52
CA TYR A 40 -4.37 6.46 2.36
C TYR A 40 -4.03 5.79 3.69
N LYS A 41 -4.78 6.15 4.73
CA LYS A 41 -4.55 5.72 6.08
C LYS A 41 -5.63 4.75 6.48
N LEU A 42 -5.19 3.57 6.91
CA LEU A 42 -6.09 2.55 7.43
C LEU A 42 -6.55 2.87 8.86
N VAL A 43 -7.87 3.00 9.06
CA VAL A 43 -8.44 3.32 10.37
C VAL A 43 -9.46 2.28 10.91
N GLY A 44 -9.80 1.29 10.09
CA GLY A 44 -10.59 0.16 10.51
C GLY A 44 -10.26 -1.04 9.65
N LEU A 45 -10.23 -2.22 10.26
CA LEU A 45 -9.93 -3.45 9.56
C LEU A 45 -10.47 -4.64 10.30
N LYS A 46 -11.23 -5.47 9.62
CA LYS A 46 -11.66 -6.73 10.22
C LYS A 46 -12.07 -7.78 9.21
N LEU A 47 -11.95 -9.02 9.66
CA LEU A 47 -12.43 -10.21 8.96
C LEU A 47 -13.73 -10.61 9.60
N LEU A 48 -14.76 -10.79 8.80
CA LEU A 48 -16.06 -11.21 9.32
C LEU A 48 -16.85 -11.93 8.25
N GLN A 49 -17.84 -12.66 8.69
CA GLN A 49 -18.70 -13.43 7.85
C GLN A 49 -20.03 -12.68 7.75
N PRO A 50 -20.31 -11.98 6.62
CA PRO A 50 -21.60 -11.28 6.60
C PRO A 50 -22.77 -12.26 6.68
N THR A 51 -23.85 -11.86 7.35
CA THR A 51 -25.08 -12.65 7.27
C THR A 51 -25.85 -12.23 6.02
N GLU A 52 -26.81 -13.05 5.63
CA GLU A 52 -27.61 -12.72 4.46
C GLU A 52 -28.36 -11.40 4.67
N GLU A 53 -28.83 -11.16 5.90
CA GLU A 53 -29.57 -9.92 6.14
C GLU A 53 -28.65 -8.71 6.04
N GLN A 54 -27.42 -8.89 6.51
CA GLN A 54 -26.42 -7.83 6.34
C GLN A 54 -26.17 -7.50 4.87
N ALA A 55 -26.00 -8.54 4.04
CA ALA A 55 -25.80 -8.36 2.60
C ALA A 55 -26.99 -7.65 1.98
N LYS A 56 -28.20 -8.05 2.36
CA LYS A 56 -29.42 -7.46 1.83
C LYS A 56 -29.47 -5.96 2.05
N GLN A 57 -29.15 -5.54 3.26
CA GLN A 57 -29.15 -4.12 3.63
C GLN A 57 -28.00 -3.35 2.98
N HIS A 58 -26.82 -3.95 2.95
CA HIS A 58 -25.68 -3.33 2.31
C HIS A 58 -25.99 -2.99 0.87
N TYR A 59 -26.68 -3.91 0.19
CA TYR A 59 -27.04 -3.70 -1.22
C TYR A 59 -28.52 -3.36 -1.42
N ILE A 60 -29.14 -2.75 -0.41
CA ILE A 60 -30.58 -2.50 -0.42
C ILE A 60 -31.09 -1.72 -1.66
N ASP A 61 -30.28 -0.80 -2.18
CA ASP A 61 -30.66 -0.04 -3.38
C ASP A 61 -30.83 -0.90 -4.62
N LEU A 62 -30.28 -2.12 -4.62
CA LEU A 62 -30.34 -3.00 -5.77
C LEU A 62 -31.38 -4.10 -5.61
N ALA A 63 -32.30 -3.96 -4.66
CA ALA A 63 -33.24 -5.03 -4.31
C ALA A 63 -34.17 -5.44 -5.45
N SER A 64 -34.42 -4.56 -6.40
CA SER A 64 -35.30 -4.88 -7.52
C SER A 64 -34.53 -5.44 -8.73
N LYS A 65 -33.19 -5.43 -8.67
CA LYS A 65 -32.36 -5.86 -9.80
C LYS A 65 -32.35 -7.40 -9.85
N PRO A 66 -32.29 -7.98 -11.07
CA PRO A 66 -32.46 -9.44 -11.20
C PRO A 66 -31.31 -10.28 -10.62
N PHE A 67 -30.16 -9.68 -10.38
CA PHE A 67 -29.04 -10.40 -9.81
C PHE A 67 -28.99 -10.31 -8.27
N TYR A 68 -29.94 -9.61 -7.65
CA TYR A 68 -29.88 -9.32 -6.19
C TYR A 68 -29.81 -10.55 -5.30
N SER A 69 -30.63 -11.56 -5.56
CA SER A 69 -30.63 -12.75 -4.70
C SER A 69 -29.31 -13.45 -4.75
N GLY A 70 -28.73 -13.57 -5.96
CA GLY A 70 -27.44 -14.21 -6.12
C GLY A 70 -26.32 -13.38 -5.48
N LEU A 71 -26.37 -12.06 -5.66
CA LEU A 71 -25.40 -11.16 -5.01
C LEU A 71 -25.40 -11.29 -3.48
N VAL A 72 -26.60 -11.30 -2.92
CA VAL A 72 -26.77 -11.32 -1.48
C VAL A 72 -26.33 -12.66 -0.90
N SER A 73 -26.68 -13.75 -1.60
CA SER A 73 -26.25 -15.11 -1.26
CA SER A 73 -26.24 -15.08 -1.22
C SER A 73 -24.73 -15.25 -1.27
N TYR A 74 -24.12 -14.82 -2.38
CA TYR A 74 -22.68 -14.90 -2.54
CA TYR A 74 -22.66 -14.87 -2.56
C TYR A 74 -21.91 -14.05 -1.52
N PHE A 75 -22.41 -12.83 -1.27
CA PHE A 75 -21.73 -11.90 -0.36
C PHE A 75 -21.68 -12.45 1.07
N SER A 76 -22.66 -13.27 1.44
CA SER A 76 -22.77 -13.87 2.75
C SER A 76 -22.32 -15.35 2.77
N SER A 77 -21.70 -15.83 1.69
CA SER A 77 -21.27 -17.23 1.57
C SER A 77 -19.96 -17.53 2.27
N GLY A 78 -19.20 -16.49 2.63
CA GLY A 78 -17.86 -16.68 3.14
C GLY A 78 -17.36 -15.39 3.75
N PRO A 79 -16.15 -15.41 4.33
CA PRO A 79 -15.68 -14.19 4.98
C PRO A 79 -15.36 -13.09 3.97
N ILE A 80 -15.54 -11.84 4.41
CA ILE A 80 -14.98 -10.67 3.76
C ILE A 80 -13.97 -10.01 4.68
N VAL A 81 -13.17 -9.12 4.10
CA VAL A 81 -12.34 -8.22 4.90
C VAL A 81 -12.90 -6.82 4.71
N GLY A 82 -13.41 -6.25 5.79
CA GLY A 82 -13.93 -4.88 5.75
C GLY A 82 -12.86 -3.91 6.17
N MET A 83 -12.83 -2.74 5.56
CA MET A 83 -11.81 -1.74 5.85
C MET A 83 -12.42 -0.34 5.81
N VAL A 84 -11.84 0.55 6.60
CA VAL A 84 -12.11 1.97 6.49
C VAL A 84 -10.78 2.68 6.24
N TRP A 85 -10.76 3.50 5.19
CA TRP A 85 -9.58 4.24 4.74
C TRP A 85 -9.86 5.69 4.82
N GLU A 86 -8.87 6.47 5.24
CA GLU A 86 -9.04 7.89 5.41
C GLU A 86 -8.07 8.65 4.53
N GLY A 87 -8.55 9.69 3.86
CA GLY A 87 -7.67 10.52 3.04
C GLY A 87 -8.45 11.49 2.18
N LEU A 88 -7.73 12.49 1.68
CA LEU A 88 -8.29 13.46 0.73
C LEU A 88 -8.84 12.75 -0.50
N GLY A 89 -10.14 12.94 -0.74
CA GLY A 89 -10.82 12.39 -1.90
C GLY A 89 -10.81 10.86 -1.95
N VAL A 90 -10.75 10.22 -0.78
CA VAL A 90 -10.57 8.78 -0.70
C VAL A 90 -11.80 7.96 -1.21
N VAL A 91 -12.99 8.53 -1.18
CA VAL A 91 -14.14 7.81 -1.77
C VAL A 91 -13.94 7.63 -3.27
N LYS A 92 -13.72 8.75 -3.98
CA LYS A 92 -13.43 8.71 -5.43
C LYS A 92 -12.12 7.93 -5.67
N GLY A 93 -11.08 8.22 -4.90
CA GLY A 93 -9.79 7.56 -5.10
C GLY A 93 -9.85 6.05 -4.93
N GLY A 94 -10.61 5.58 -3.94
CA GLY A 94 -10.81 4.15 -3.72
C GLY A 94 -11.43 3.46 -4.90
N ARG A 95 -12.44 4.09 -5.47
CA ARG A 95 -13.10 3.58 -6.68
C ARG A 95 -12.16 3.53 -7.87
N VAL A 96 -11.34 4.57 -8.00
CA VAL A 96 -10.32 4.59 -9.04
C VAL A 96 -9.40 3.38 -8.90
N LEU A 97 -8.97 3.08 -7.67
CA LEU A 97 -8.08 1.93 -7.42
C LEU A 97 -8.79 0.62 -7.76
N LEU A 98 -10.08 0.55 -7.48
CA LEU A 98 -10.86 -0.70 -7.68
C LEU A 98 -11.09 -1.03 -9.15
N GLY A 99 -11.39 0.00 -9.95
CA GLY A 99 -11.71 -0.16 -11.35
C GLY A 99 -13.19 -0.22 -11.54
N ALA A 100 -13.63 -0.41 -12.79
CA ALA A 100 -15.04 -0.42 -13.16
C ALA A 100 -15.74 -1.60 -12.54
N THR A 101 -17.05 -1.48 -12.40
CA THR A 101 -17.88 -2.52 -11.81
C THR A 101 -17.72 -3.87 -12.49
N ASN A 102 -17.84 -3.83 -13.81
CA ASN A 102 -17.63 -4.99 -14.64
C ASN A 102 -16.14 -5.06 -14.99
N PRO A 103 -15.45 -6.12 -14.55
CA PRO A 103 -14.03 -6.24 -14.81
C PRO A 103 -13.65 -6.20 -16.28
N ALA A 104 -14.55 -6.60 -17.16
CA ALA A 104 -14.28 -6.48 -18.60
C ALA A 104 -14.15 -5.02 -19.09
N ASP A 105 -14.67 -4.07 -18.32
CA ASP A 105 -14.51 -2.65 -18.60
C ASP A 105 -13.39 -2.01 -17.77
N SER A 106 -12.72 -2.79 -16.92
CA SER A 106 -11.70 -2.24 -16.02
CA SER A 106 -11.70 -2.22 -16.04
C SER A 106 -10.33 -2.26 -16.70
N LEU A 107 -9.49 -1.29 -16.37
CA LEU A 107 -8.18 -1.21 -17.02
C LEU A 107 -7.08 -1.87 -16.19
N PRO A 108 -6.06 -2.39 -16.87
CA PRO A 108 -4.93 -2.91 -16.10
C PRO A 108 -4.37 -1.83 -15.20
N GLY A 109 -3.85 -2.22 -14.05
CA GLY A 109 -3.49 -1.29 -13.02
C GLY A 109 -4.51 -1.23 -11.91
N THR A 110 -5.78 -1.41 -12.24
CA THR A 110 -6.81 -1.47 -11.20
C THR A 110 -6.96 -2.87 -10.62
N ILE A 111 -7.63 -2.95 -9.48
CA ILE A 111 -7.82 -4.23 -8.79
C ILE A 111 -8.65 -5.18 -9.66
N ARG A 112 -9.82 -4.73 -10.11
CA ARG A 112 -10.63 -5.54 -11.03
C ARG A 112 -9.99 -5.75 -12.39
N GLY A 113 -9.31 -4.75 -12.92
CA GLY A 113 -8.56 -4.91 -14.18
C GLY A 113 -7.46 -5.98 -14.15
N ASP A 114 -6.76 -6.09 -13.03
CA ASP A 114 -5.66 -7.04 -12.91
C ASP A 114 -6.06 -8.45 -12.50
N PHE A 115 -7.15 -8.57 -11.77
CA PHE A 115 -7.45 -9.79 -11.03
C PHE A 115 -8.83 -10.40 -11.23
N ALA A 116 -9.71 -9.80 -12.03
CA ALA A 116 -11.09 -10.30 -12.11
C ALA A 116 -11.60 -10.31 -13.53
N VAL A 117 -12.56 -11.20 -13.76
CA VAL A 117 -13.14 -11.40 -15.08
C VAL A 117 -14.64 -11.12 -15.16
N ASP A 118 -15.37 -11.55 -14.13
CA ASP A 118 -16.84 -11.63 -14.14
C ASP A 118 -17.41 -10.58 -13.18
N VAL A 119 -18.41 -9.82 -13.65
CA VAL A 119 -19.07 -8.78 -12.83
C VAL A 119 -19.59 -9.33 -11.50
N GLY A 120 -20.04 -10.57 -11.48
CA GLY A 120 -20.53 -11.23 -10.25
C GLY A 120 -19.47 -11.78 -9.29
N ARG A 121 -18.20 -11.74 -9.72
CA ARG A 121 -17.05 -12.15 -8.91
C ARG A 121 -15.95 -11.10 -9.12
N ASN A 122 -16.22 -9.87 -8.66
CA ASN A 122 -15.34 -8.76 -8.96
C ASN A 122 -14.52 -8.31 -7.73
N VAL A 123 -14.31 -9.27 -6.81
CA VAL A 123 -13.23 -9.28 -5.85
C VAL A 123 -13.34 -8.26 -4.69
N CYS A 124 -13.94 -7.11 -4.91
CA CYS A 124 -13.87 -6.01 -3.96
CA CYS A 124 -13.88 -6.02 -3.95
C CYS A 124 -15.07 -5.11 -4.08
N HIS A 125 -15.31 -4.33 -3.02
CA HIS A 125 -16.35 -3.33 -2.97
C HIS A 125 -15.74 -2.05 -2.50
N GLY A 126 -16.25 -0.92 -3.00
CA GLY A 126 -15.93 0.42 -2.44
C GLY A 126 -17.14 1.34 -2.45
N SER A 127 -17.32 2.11 -1.37
CA SER A 127 -18.42 3.05 -1.28
C SER A 127 -18.40 3.98 -2.51
N ASP A 128 -19.58 4.33 -3.02
CA ASP A 128 -19.66 5.15 -4.24
C ASP A 128 -19.89 6.66 -4.05
N SER A 129 -20.07 7.12 -2.82
CA SER A 129 -20.24 8.53 -2.52
C SER A 129 -19.89 8.81 -1.08
N VAL A 130 -19.66 10.08 -0.75
CA VAL A 130 -19.36 10.45 0.61
C VAL A 130 -20.50 10.01 1.57
N GLU A 131 -21.76 10.26 1.16
CA GLU A 131 -22.92 9.91 2.00
C GLU A 131 -23.06 8.39 2.16
N SER A 132 -22.89 7.64 1.08
CA SER A 132 -23.02 6.19 1.20
C SER A 132 -21.84 5.61 1.99
N ALA A 133 -20.65 6.22 1.87
CA ALA A 133 -19.50 5.77 2.67
C ALA A 133 -19.82 5.91 4.16
N LYS A 134 -20.42 7.03 4.54
CA LYS A 134 -20.78 7.23 5.95
C LYS A 134 -21.78 6.16 6.45
N ARG A 135 -22.78 5.86 5.64
CA ARG A 135 -23.78 4.82 5.95
CA ARG A 135 -23.78 4.85 6.00
C ARG A 135 -23.12 3.47 6.10
N GLU A 136 -22.23 3.14 5.16
CA GLU A 136 -21.56 1.82 5.16
C GLU A 136 -20.60 1.64 6.33
N ILE A 137 -19.82 2.67 6.61
CA ILE A 137 -18.91 2.62 7.74
C ILE A 137 -19.71 2.38 9.01
N ALA A 138 -20.81 3.12 9.17
CA ALA A 138 -21.63 3.03 10.38
C ALA A 138 -22.36 1.68 10.47
N PHE A 139 -22.64 1.08 9.33
CA PHE A 139 -23.29 -0.21 9.30
C PHE A 139 -22.37 -1.38 9.69
N TRP A 140 -21.14 -1.35 9.19
CA TRP A 140 -20.19 -2.47 9.35
C TRP A 140 -19.24 -2.37 10.53
N PHE A 141 -18.99 -1.14 11.01
CA PHE A 141 -18.02 -0.89 12.08
C PHE A 141 -18.65 -0.23 13.29
N LYS A 142 -18.25 -0.70 14.48
CA LYS A 142 -18.56 -0.02 15.71
C LYS A 142 -17.52 1.06 15.94
N ALA A 143 -17.88 2.08 16.72
CA ALA A 143 -16.97 3.18 16.97
C ALA A 143 -15.66 2.68 17.54
N GLU A 144 -15.71 1.67 18.39
CA GLU A 144 -14.48 1.17 19.03
C GLU A 144 -13.59 0.37 18.09
N GLU A 145 -14.06 0.10 16.89
CA GLU A 145 -13.25 -0.57 15.89
C GLU A 145 -12.55 0.40 14.94
N LEU A 146 -12.78 1.70 15.09
CA LEU A 146 -12.12 2.67 14.25
C LEU A 146 -11.02 3.26 15.13
N VAL A 147 -9.82 3.38 14.60
CA VAL A 147 -8.71 3.90 15.37
C VAL A 147 -8.36 5.27 14.85
N SER A 148 -8.40 6.24 15.74
CA SER A 148 -7.89 7.58 15.47
C SER A 148 -6.36 7.59 15.67
N TRP A 149 -5.60 7.86 14.60
CA TRP A 149 -4.17 8.02 14.71
C TRP A 149 -3.59 8.92 13.64
N THR A 150 -2.34 9.29 13.82
CA THR A 150 -1.70 10.23 12.89
C THR A 150 -0.56 9.57 12.17
N SER A 151 -0.60 9.58 10.85
CA SER A 151 0.49 9.00 10.07
C SER A 151 1.70 9.87 10.19
N HIS A 152 2.85 9.24 10.47
CA HIS A 152 4.10 9.96 10.52
C HIS A 152 4.49 10.56 9.19
N SER A 153 3.83 10.13 8.12
CA SER A 153 4.05 10.64 6.75
C SER A 153 3.04 11.69 6.28
N VAL A 154 2.15 12.13 7.15
CA VAL A 154 1.12 13.06 6.71
C VAL A 154 1.64 14.33 6.03
N LYS A 155 2.73 14.94 6.52
CA LYS A 155 3.29 16.15 5.86
C LYS A 155 3.99 15.87 4.53
N GLN A 156 4.34 14.61 4.31
CA GLN A 156 4.95 14.15 3.08
CA GLN A 156 4.96 14.17 3.07
C GLN A 156 3.90 13.87 2.00
N ILE A 157 2.68 13.54 2.44
CA ILE A 157 1.56 13.21 1.56
C ILE A 157 0.68 14.44 1.26
N TYR A 158 0.54 15.36 2.22
CA TYR A 158 -0.33 16.55 2.07
C TYR A 158 0.43 17.83 2.22
N GLU A 159 0.16 18.76 1.31
CA GLU A 159 0.76 20.09 1.36
C GLU A 159 0.26 20.91 2.58
N ARG A 160 -1.03 20.88 2.88
CA ARG A 160 -1.58 21.74 3.98
C ARG A 160 -1.41 21.17 5.40
N MET B 9 -0.89 -31.40 12.30
CA MET B 9 -2.30 -31.19 11.82
C MET B 9 -2.44 -29.80 11.19
N PRO B 10 -3.15 -29.70 10.03
CA PRO B 10 -3.45 -28.43 9.37
C PRO B 10 -4.26 -27.38 10.18
N SER B 11 -4.89 -27.79 11.28
CA SER B 11 -5.67 -26.85 12.08
C SER B 11 -4.85 -26.05 13.12
N GLU B 12 -3.53 -26.23 13.15
CA GLU B 12 -2.69 -25.37 14.01
C GLU B 12 -2.93 -23.90 13.70
N ARG B 13 -2.87 -23.08 14.74
CA ARG B 13 -3.04 -21.64 14.57
C ARG B 13 -1.95 -20.86 15.26
N THR B 14 -1.66 -19.69 14.72
CA THR B 14 -0.71 -18.78 15.35
C THR B 14 -1.23 -17.34 15.31
N PHE B 15 -0.69 -16.51 16.21
CA PHE B 15 -1.03 -15.10 16.29
C PHE B 15 0.14 -14.29 15.78
N ILE B 16 -0.13 -13.47 14.78
CA ILE B 16 0.87 -12.61 14.13
C ILE B 16 0.31 -11.20 14.31
N ALA B 17 1.16 -10.24 14.65
CA ALA B 17 0.76 -8.86 14.74
C ALA B 17 1.73 -7.99 13.94
N VAL B 18 1.20 -7.07 13.17
CA VAL B 18 2.02 -5.98 12.64
C VAL B 18 2.11 -4.95 13.78
N LYS B 19 3.32 -4.63 14.23
CA LYS B 19 3.52 -3.71 15.35
C LYS B 19 3.35 -2.26 14.91
N PRO B 20 3.33 -1.32 15.85
CA PRO B 20 2.98 0.03 15.39
C PRO B 20 3.89 0.61 14.33
N ASP B 21 5.16 0.24 14.35
CA ASP B 21 6.12 0.72 13.33
C ASP B 21 5.81 0.12 11.94
N GLY B 22 5.37 -1.12 11.92
CA GLY B 22 4.97 -1.78 10.69
C GLY B 22 3.73 -1.15 10.05
N VAL B 23 2.74 -0.81 10.89
CA VAL B 23 1.55 -0.08 10.42
C VAL B 23 1.93 1.31 9.91
N GLN B 24 2.70 2.05 10.69
CA GLN B 24 3.15 3.38 10.29
C GLN B 24 3.93 3.34 9.01
N ARG B 25 4.74 2.29 8.81
CA ARG B 25 5.57 2.20 7.58
C ARG B 25 4.91 1.42 6.43
N ASN B 26 3.59 1.27 6.50
CA ASN B 26 2.82 0.75 5.36
C ASN B 26 3.23 -0.69 4.94
N LEU B 27 3.41 -1.58 5.90
CA LEU B 27 3.82 -2.94 5.65
C LEU B 27 2.71 -3.97 5.91
N VAL B 28 1.48 -3.50 6.20
CA VAL B 28 0.39 -4.42 6.57
C VAL B 28 0.06 -5.34 5.41
N GLY B 29 -0.23 -4.74 4.26
CA GLY B 29 -0.53 -5.48 3.05
C GLY B 29 0.58 -6.42 2.63
N GLU B 30 1.81 -5.95 2.64
CA GLU B 30 2.96 -6.79 2.31
C GLU B 30 3.08 -8.02 3.21
N ILE B 31 2.87 -7.83 4.51
CA ILE B 31 2.95 -8.91 5.46
C ILE B 31 1.84 -9.92 5.22
N ILE B 32 0.61 -9.41 5.10
CA ILE B 32 -0.53 -10.29 4.81
C ILE B 32 -0.31 -11.10 3.52
N LYS B 33 0.15 -10.43 2.47
CA LYS B 33 0.42 -11.07 1.19
CA LYS B 33 0.42 -11.10 1.18
C LYS B 33 1.38 -12.27 1.37
N ARG B 34 2.42 -12.10 2.17
CA ARG B 34 3.39 -13.16 2.34
C ARG B 34 2.79 -14.44 2.97
N PHE B 35 1.91 -14.24 3.96
CA PHE B 35 1.24 -15.34 4.62
C PHE B 35 0.21 -15.96 3.66
N GLU B 36 -0.50 -15.13 2.89
CA GLU B 36 -1.45 -15.70 1.92
C GLU B 36 -0.73 -16.51 0.84
N ASN B 37 0.38 -15.97 0.31
CA ASN B 37 1.14 -16.61 -0.74
C ASN B 37 1.64 -18.00 -0.32
N LYS B 38 2.05 -18.13 0.94
CA LYS B 38 2.55 -19.38 1.49
C LYS B 38 1.49 -20.51 1.54
N GLY B 39 0.20 -20.15 1.61
CA GLY B 39 -0.88 -21.13 1.71
C GLY B 39 -1.62 -21.13 3.03
N TYR B 40 -1.22 -20.23 3.92
CA TYR B 40 -1.86 -20.10 5.24
C TYR B 40 -3.22 -19.42 5.10
N LYS B 41 -4.12 -19.73 6.02
CA LYS B 41 -5.50 -19.27 5.95
C LYS B 41 -5.79 -18.27 7.07
N LEU B 42 -6.28 -17.09 6.69
CA LEU B 42 -6.58 -16.01 7.63
C LEU B 42 -7.92 -16.29 8.27
N VAL B 43 -7.93 -16.47 9.59
CA VAL B 43 -9.16 -16.75 10.34
C VAL B 43 -9.50 -15.67 11.42
N GLY B 44 -8.64 -14.69 11.59
CA GLY B 44 -8.95 -13.55 12.47
C GLY B 44 -8.15 -12.36 12.04
N LEU B 45 -8.77 -11.17 12.06
CA LEU B 45 -8.06 -9.98 11.66
C LEU B 45 -8.68 -8.75 12.30
N LYS B 46 -7.85 -7.90 12.87
CA LYS B 46 -8.37 -6.67 13.43
C LYS B 46 -7.29 -5.62 13.57
N LEU B 47 -7.73 -4.38 13.54
CA LEU B 47 -6.85 -3.23 13.79
C LEU B 47 -7.29 -2.66 15.12
N LEU B 48 -6.35 -2.39 16.01
CA LEU B 48 -6.66 -1.85 17.33
C LEU B 48 -5.40 -1.23 17.94
N GLN B 49 -5.59 -0.24 18.82
CA GLN B 49 -4.49 0.31 19.58
C GLN B 49 -4.42 -0.37 20.92
N PRO B 50 -3.33 -1.12 21.18
CA PRO B 50 -3.24 -1.76 22.48
C PRO B 50 -3.25 -0.75 23.61
N THR B 51 -3.88 -1.11 24.72
CA THR B 51 -3.71 -0.36 25.94
C THR B 51 -2.32 -0.70 26.51
N GLU B 52 -1.83 0.13 27.43
CA GLU B 52 -0.62 -0.16 28.17
C GLU B 52 -0.69 -1.52 28.89
N GLU B 53 -1.83 -1.85 29.47
CA GLU B 53 -2.00 -3.15 30.16
C GLU B 53 -1.94 -4.34 29.19
N GLN B 54 -2.58 -4.21 28.04
CA GLN B 54 -2.47 -5.23 27.01
C GLN B 54 -1.00 -5.41 26.60
N ALA B 55 -0.28 -4.30 26.42
CA ALA B 55 1.13 -4.37 26.01
C ALA B 55 1.94 -5.10 27.08
N LYS B 56 1.70 -4.74 28.34
CA LYS B 56 2.41 -5.35 29.46
C LYS B 56 2.21 -6.86 29.51
N GLN B 57 0.96 -7.28 29.31
CA GLN B 57 0.59 -8.68 29.39
C GLN B 57 1.13 -9.46 28.19
N HIS B 58 1.00 -8.88 27.01
CA HIS B 58 1.40 -9.58 25.82
C HIS B 58 2.84 -9.95 25.92
N TYR B 59 3.62 -9.03 26.49
CA TYR B 59 5.05 -9.22 26.70
C TYR B 59 5.44 -9.52 28.16
N ILE B 60 4.57 -10.24 28.88
CA ILE B 60 4.71 -10.47 30.32
C ILE B 60 5.98 -11.23 30.66
N ASP B 61 6.39 -12.18 29.82
CA ASP B 61 7.66 -12.89 30.03
C ASP B 61 8.91 -12.02 30.00
N LEU B 62 8.80 -10.80 29.52
CA LEU B 62 9.96 -9.90 29.46
C LEU B 62 9.92 -8.79 30.52
N ALA B 63 9.02 -8.90 31.49
CA ALA B 63 8.86 -7.81 32.49
C ALA B 63 10.15 -7.43 33.22
N SER B 64 11.02 -8.41 33.47
CA SER B 64 12.29 -8.13 34.16
C SER B 64 13.40 -7.60 33.25
N LYS B 65 13.17 -7.50 31.94
CA LYS B 65 14.23 -7.05 31.01
C LYS B 65 14.33 -5.55 31.00
N PRO B 66 15.52 -5.00 30.78
CA PRO B 66 15.68 -3.56 30.84
C PRO B 66 15.01 -2.77 29.70
N PHE B 67 14.67 -3.41 28.60
CA PHE B 67 13.96 -2.74 27.50
C PHE B 67 12.44 -2.83 27.63
N TYR B 68 11.93 -3.40 28.72
CA TYR B 68 10.48 -3.64 28.84
C TYR B 68 9.65 -2.37 28.78
N SER B 69 10.01 -1.34 29.55
CA SER B 69 9.10 -0.21 29.63
C SER B 69 8.99 0.51 28.26
N GLY B 70 10.13 0.62 27.55
CA GLY B 70 10.14 1.15 26.18
C GLY B 70 9.32 0.30 25.21
N LEU B 71 9.45 -1.02 25.32
CA LEU B 71 8.71 -1.94 24.47
C LEU B 71 7.19 -1.75 24.66
N VAL B 72 6.79 -1.69 25.93
CA VAL B 72 5.39 -1.58 26.32
C VAL B 72 4.80 -0.25 25.87
N SER B 73 5.51 0.84 26.12
CA SER B 73 5.07 2.17 25.71
CA SER B 73 5.07 2.17 25.71
C SER B 73 4.91 2.27 24.20
N TYR B 74 5.88 1.76 23.46
CA TYR B 74 5.81 1.82 22.03
CA TYR B 74 5.82 1.82 22.00
C TYR B 74 4.72 0.93 21.43
N PHE B 75 4.56 -0.27 21.98
CA PHE B 75 3.54 -1.21 21.50
C PHE B 75 2.14 -0.67 21.71
N SER B 76 1.98 0.21 22.70
CA SER B 76 0.68 0.82 23.02
C SER B 76 0.56 2.26 22.47
N SER B 77 1.51 2.67 21.63
CA SER B 77 1.56 4.06 21.12
C SER B 77 0.69 4.33 19.90
N GLY B 78 0.23 3.28 19.22
CA GLY B 78 -0.66 3.44 18.08
C GLY B 78 -1.18 2.07 17.63
N PRO B 79 -1.86 2.02 16.48
CA PRO B 79 -2.49 0.78 16.05
C PRO B 79 -1.51 -0.33 15.69
N ILE B 80 -1.95 -1.55 15.99
CA ILE B 80 -1.35 -2.74 15.47
C ILE B 80 -2.41 -3.43 14.61
N VAL B 81 -1.97 -4.34 13.74
CA VAL B 81 -2.92 -5.27 13.11
C VAL B 81 -2.70 -6.66 13.69
N GLY B 82 -3.71 -7.21 14.33
CA GLY B 82 -3.66 -8.54 14.92
C GLY B 82 -4.28 -9.53 13.98
N MET B 83 -3.67 -10.71 13.88
CA MET B 83 -4.08 -11.75 12.92
C MET B 83 -4.00 -13.12 13.51
N VAL B 84 -4.90 -14.00 13.08
CA VAL B 84 -4.79 -15.38 13.39
C VAL B 84 -4.69 -16.14 12.07
N TRP B 85 -3.64 -16.94 11.94
CA TRP B 85 -3.42 -17.75 10.75
C TRP B 85 -3.49 -19.21 11.06
N GLU B 86 -4.07 -19.98 10.14
CA GLU B 86 -4.22 -21.42 10.30
C GLU B 86 -3.50 -22.18 9.19
N GLY B 87 -2.78 -23.24 9.57
CA GLY B 87 -2.17 -24.12 8.59
C GLY B 87 -1.22 -25.09 9.27
N LEU B 88 -0.80 -26.12 8.53
CA LEU B 88 0.19 -27.08 9.01
C LEU B 88 1.47 -26.37 9.36
N GLY B 89 1.97 -26.61 10.58
CA GLY B 89 3.21 -25.98 11.06
C GLY B 89 3.26 -24.46 11.05
N VAL B 90 2.11 -23.82 11.16
CA VAL B 90 2.02 -22.36 10.98
C VAL B 90 2.71 -21.54 12.07
N VAL B 91 2.83 -22.09 13.28
CA VAL B 91 3.58 -21.36 14.31
C VAL B 91 5.04 -21.19 13.89
N LYS B 92 5.69 -22.32 13.57
CA LYS B 92 7.09 -22.28 13.15
C LYS B 92 7.21 -21.53 11.84
N GLY B 93 6.28 -21.80 10.93
CA GLY B 93 6.30 -21.17 9.59
C GLY B 93 6.14 -19.66 9.62
N GLY B 94 5.27 -19.20 10.48
CA GLY B 94 5.11 -17.77 10.67
C GLY B 94 6.43 -17.16 11.11
N ARG B 95 7.13 -17.80 12.04
CA ARG B 95 8.40 -17.25 12.53
C ARG B 95 9.51 -17.28 11.48
N VAL B 96 9.49 -18.34 10.69
CA VAL B 96 10.39 -18.39 9.52
C VAL B 96 10.13 -17.22 8.55
N LEU B 97 8.86 -16.92 8.25
CA LEU B 97 8.48 -15.76 7.43
C LEU B 97 8.92 -14.43 8.07
N LEU B 98 8.79 -14.31 9.39
CA LEU B 98 9.16 -13.06 10.09
C LEU B 98 10.66 -12.78 10.08
N GLY B 99 11.47 -13.84 10.23
CA GLY B 99 12.94 -13.73 10.37
C GLY B 99 13.37 -13.58 11.80
N ALA B 100 14.68 -13.51 12.01
CA ALA B 100 15.25 -13.42 13.34
C ALA B 100 14.78 -12.16 14.07
N THR B 101 14.67 -12.29 15.40
CA THR B 101 14.22 -11.21 16.27
C THR B 101 14.96 -9.88 16.05
N ASN B 102 16.28 -9.97 15.98
CA ASN B 102 17.12 -8.84 15.62
C ASN B 102 17.28 -8.80 14.09
N PRO B 103 16.77 -7.75 13.47
CA PRO B 103 16.84 -7.63 12.02
C PRO B 103 18.26 -7.70 11.47
N ALA B 104 19.24 -7.37 12.29
CA ALA B 104 20.65 -7.51 11.92
C ALA B 104 21.02 -8.95 11.63
N ASP B 105 20.33 -9.89 12.30
CA ASP B 105 20.53 -11.32 12.11
C ASP B 105 19.56 -11.92 11.07
N SER B 106 18.59 -11.15 10.58
CA SER B 106 17.55 -11.67 9.70
CA SER B 106 17.55 -11.66 9.69
C SER B 106 18.05 -11.68 8.24
N LEU B 107 17.59 -12.64 7.46
CA LEU B 107 18.05 -12.81 6.10
C LEU B 107 17.10 -12.16 5.14
N PRO B 108 17.63 -11.66 4.01
CA PRO B 108 16.76 -11.21 2.92
C PRO B 108 15.76 -12.30 2.55
N GLY B 109 14.54 -11.88 2.22
CA GLY B 109 13.44 -12.79 1.98
C GLY B 109 12.47 -12.82 3.15
N THR B 110 12.95 -12.63 4.36
CA THR B 110 12.09 -12.52 5.53
C THR B 110 11.57 -11.11 5.71
N ILE B 111 10.52 -10.95 6.52
CA ILE B 111 9.95 -9.62 6.78
C ILE B 111 10.96 -8.67 7.46
N ARG B 112 11.60 -9.11 8.53
CA ARG B 112 12.59 -8.30 9.18
C ARG B 112 13.85 -8.14 8.34
N GLY B 113 14.18 -9.14 7.55
CA GLY B 113 15.37 -9.06 6.69
C GLY B 113 15.21 -8.05 5.57
N ASP B 114 14.00 -7.93 5.04
CA ASP B 114 13.72 -7.00 3.96
C ASP B 114 13.40 -5.58 4.38
N PHE B 115 12.83 -5.41 5.57
CA PHE B 115 12.21 -4.17 5.97
C PHE B 115 12.62 -3.52 7.30
N ALA B 116 13.48 -4.16 8.11
CA ALA B 116 13.80 -3.57 9.42
C ALA B 116 15.30 -3.59 9.72
N VAL B 117 15.70 -2.68 10.61
CA VAL B 117 17.08 -2.52 11.00
C VAL B 117 17.30 -2.76 12.49
N ASP B 118 16.35 -2.35 13.34
CA ASP B 118 16.60 -2.20 14.77
C ASP B 118 15.73 -3.20 15.55
N VAL B 119 16.32 -3.84 16.55
CA VAL B 119 15.61 -4.90 17.30
C VAL B 119 14.34 -4.36 17.96
N GLY B 120 14.41 -3.13 18.45
CA GLY B 120 13.22 -2.47 19.04
C GLY B 120 12.20 -1.90 18.05
N ARG B 121 12.50 -1.91 16.76
CA ARG B 121 11.56 -1.51 15.71
C ARG B 121 11.55 -2.60 14.63
N ASN B 122 11.03 -3.76 14.99
CA ASN B 122 11.20 -4.92 14.12
C ASN B 122 9.89 -5.38 13.52
N VAL B 123 8.98 -4.40 13.36
CA VAL B 123 7.85 -4.43 12.43
C VAL B 123 6.66 -5.38 12.77
N CYS B 124 6.95 -6.51 13.40
CA CYS B 124 5.98 -7.60 13.49
CA CYS B 124 5.98 -7.62 13.46
C CYS B 124 6.28 -8.52 14.67
N HIS B 125 5.26 -9.26 15.12
CA HIS B 125 5.37 -10.25 16.18
C HIS B 125 4.78 -11.55 15.69
N GLY B 126 5.31 -12.68 16.15
CA GLY B 126 4.63 -13.98 15.99
C GLY B 126 4.79 -14.85 17.22
N SER B 127 3.76 -15.63 17.53
CA SER B 127 3.80 -16.54 18.65
C SER B 127 5.00 -17.51 18.54
N ASP B 128 5.58 -17.85 19.68
CA ASP B 128 6.80 -18.63 19.67
C ASP B 128 6.58 -20.14 19.85
N SER B 129 5.35 -20.56 20.14
CA SER B 129 5.04 -21.97 20.32
C SER B 129 3.56 -22.22 20.15
N VAL B 130 3.18 -23.48 19.97
CA VAL B 130 1.77 -23.84 19.84
C VAL B 130 0.97 -23.35 21.06
N GLU B 131 1.52 -23.57 22.27
CA GLU B 131 0.83 -23.14 23.48
C GLU B 131 0.77 -21.62 23.61
N SER B 132 1.87 -20.91 23.32
CA SER B 132 1.82 -19.45 23.47
CA SER B 132 1.88 -19.44 23.41
C SER B 132 0.89 -18.86 22.43
N ALA B 133 0.83 -19.47 21.24
CA ALA B 133 -0.13 -19.08 20.21
C ALA B 133 -1.58 -19.16 20.73
N LYS B 134 -1.93 -20.29 21.36
CA LYS B 134 -3.28 -20.46 21.90
C LYS B 134 -3.56 -19.37 22.93
N ARG B 135 -2.57 -19.05 23.75
CA ARG B 135 -2.80 -18.02 24.79
C ARG B 135 -2.95 -16.61 24.19
N GLU B 136 -2.09 -16.28 23.22
CA GLU B 136 -2.19 -15.01 22.53
C GLU B 136 -3.53 -14.84 21.77
N ILE B 137 -3.96 -15.88 21.07
CA ILE B 137 -5.19 -15.85 20.32
C ILE B 137 -6.34 -15.56 21.29
N ALA B 138 -6.35 -16.29 22.40
CA ALA B 138 -7.36 -16.18 23.46
C ALA B 138 -7.32 -14.80 24.09
N PHE B 139 -6.15 -14.18 24.16
CA PHE B 139 -6.04 -12.85 24.78
C PHE B 139 -6.55 -11.73 23.87
N TRP B 140 -6.26 -11.83 22.58
CA TRP B 140 -6.53 -10.75 21.60
C TRP B 140 -7.84 -10.83 20.87
N PHE B 141 -8.44 -12.02 20.80
CA PHE B 141 -9.67 -12.24 20.06
C PHE B 141 -10.77 -12.89 20.92
N LYS B 142 -12.00 -12.40 20.78
CA LYS B 142 -13.16 -13.07 21.36
C LYS B 142 -13.55 -14.23 20.46
N ALA B 143 -14.22 -15.22 21.03
CA ALA B 143 -14.63 -16.42 20.29
C ALA B 143 -15.38 -16.03 19.01
N GLU B 144 -16.26 -15.05 19.15
CA GLU B 144 -17.12 -14.66 18.05
C GLU B 144 -16.37 -13.87 16.97
N GLU B 145 -15.13 -13.46 17.23
CA GLU B 145 -14.34 -12.74 16.24
C GLU B 145 -13.52 -13.60 15.25
N LEU B 146 -13.45 -14.91 15.48
CA LEU B 146 -12.74 -15.79 14.57
C LEU B 146 -13.75 -16.27 13.53
N VAL B 147 -13.28 -16.53 12.31
CA VAL B 147 -14.14 -17.02 11.26
C VAL B 147 -13.60 -18.35 10.77
N SER B 148 -14.45 -19.36 10.80
CA SER B 148 -14.08 -20.66 10.31
CA SER B 148 -14.09 -20.67 10.31
C SER B 148 -14.62 -20.77 8.89
N TRP B 149 -13.77 -21.20 7.97
CA TRP B 149 -14.15 -21.34 6.58
C TRP B 149 -13.18 -22.27 5.92
N THR B 150 -13.56 -22.77 4.76
CA THR B 150 -12.72 -23.72 4.01
C THR B 150 -12.18 -23.04 2.76
N SER B 151 -10.87 -23.00 2.65
CA SER B 151 -10.23 -22.53 1.43
C SER B 151 -10.61 -23.48 0.32
N HIS B 152 -11.07 -22.90 -0.76
CA HIS B 152 -11.29 -23.63 -2.01
C HIS B 152 -10.02 -24.25 -2.55
N SER B 153 -8.85 -23.82 -2.08
CA SER B 153 -7.56 -24.38 -2.50
C SER B 153 -6.97 -25.44 -1.53
N VAL B 154 -7.75 -25.86 -0.54
CA VAL B 154 -7.19 -26.72 0.52
C VAL B 154 -6.59 -28.04 -0.04
N LYS B 155 -7.22 -28.65 -1.05
CA LYS B 155 -6.70 -29.88 -1.67
C LYS B 155 -5.50 -29.66 -2.58
N GLN B 156 -5.25 -28.41 -2.99
CA GLN B 156 -4.08 -28.05 -3.75
C GLN B 156 -2.91 -27.79 -2.82
N ILE B 157 -3.18 -27.35 -1.60
CA ILE B 157 -2.14 -27.03 -0.65
C ILE B 157 -1.72 -28.24 0.24
N TYR B 158 -2.65 -29.15 0.52
CA TYR B 158 -2.43 -30.29 1.38
C TYR B 158 -2.72 -31.60 0.68
N GLU B 159 -1.79 -32.55 0.86
CA GLU B 159 -1.96 -33.90 0.35
C GLU B 159 -3.10 -34.64 1.06
N ARG B 160 -3.18 -34.58 2.39
CA ARG B 160 -4.13 -35.42 3.18
C ARG B 160 -5.53 -34.81 3.41
N MET C 9 13.65 10.64 -33.08
CA MET C 9 14.90 9.81 -32.91
C MET C 9 15.05 9.22 -31.49
N PRO C 10 15.66 8.02 -31.40
CA PRO C 10 15.95 7.37 -30.13
C PRO C 10 16.89 8.14 -29.19
N SER C 11 17.57 9.18 -29.69
CA SER C 11 18.50 9.93 -28.86
C SER C 11 17.84 11.10 -28.12
N GLU C 12 16.54 11.28 -28.28
CA GLU C 12 15.81 12.26 -27.46
C GLU C 12 16.07 12.04 -25.97
N ARG C 13 16.20 13.14 -25.23
CA ARG C 13 16.38 13.08 -23.79
C ARG C 13 15.37 13.91 -22.99
N THR C 14 15.11 13.49 -21.76
CA THR C 14 14.28 14.24 -20.83
C THR C 14 14.90 14.31 -19.45
N PHE C 15 14.47 15.31 -18.69
CA PHE C 15 14.83 15.42 -17.29
C PHE C 15 13.66 14.97 -16.44
N ILE C 16 13.93 14.03 -15.52
CA ILE C 16 12.95 13.55 -14.54
C ILE C 16 13.58 13.77 -13.19
N ALA C 17 12.80 14.20 -12.21
CA ALA C 17 13.29 14.35 -10.85
C ALA C 17 12.33 13.64 -9.92
N VAL C 18 12.88 12.98 -8.91
CA VAL C 18 12.10 12.54 -7.74
C VAL C 18 12.15 13.74 -6.80
N LYS C 19 10.96 14.29 -6.51
CA LYS C 19 10.88 15.47 -5.65
C LYS C 19 11.11 15.10 -4.18
N PRO C 20 11.25 16.09 -3.30
CA PRO C 20 11.63 15.75 -1.94
C PRO C 20 10.68 14.77 -1.23
N ASP C 21 9.40 14.81 -1.58
CA ASP C 21 8.43 13.88 -0.99
C ASP C 21 8.66 12.44 -1.47
N GLY C 22 9.05 12.31 -2.74
CA GLY C 22 9.42 11.05 -3.35
C GLY C 22 10.64 10.41 -2.70
N VAL C 23 11.64 11.22 -2.35
CA VAL C 23 12.82 10.71 -1.69
C VAL C 23 12.44 10.31 -0.27
N GLN C 24 11.75 11.21 0.42
CA GLN C 24 11.32 10.94 1.80
C GLN C 24 10.49 9.67 1.90
N ARG C 25 9.64 9.44 0.90
CA ARG C 25 8.74 8.26 0.93
C ARG C 25 9.28 7.00 0.25
N ASN C 26 10.59 6.96 0.03
CA ASN C 26 11.26 5.73 -0.47
C ASN C 26 10.76 5.27 -1.85
N LEU C 27 10.59 6.22 -2.77
CA LEU C 27 10.13 5.93 -4.11
C LEU C 27 11.23 6.08 -5.19
N VAL C 28 12.48 6.27 -4.79
CA VAL C 28 13.55 6.51 -5.80
C VAL C 28 13.72 5.26 -6.65
N GLY C 29 13.89 4.14 -5.99
CA GLY C 29 14.15 2.89 -6.71
C GLY C 29 12.97 2.48 -7.58
N GLU C 30 11.77 2.63 -7.02
CA GLU C 30 10.56 2.29 -7.75
C GLU C 30 10.43 3.12 -9.03
N ILE C 31 10.72 4.43 -8.95
CA ILE C 31 10.57 5.30 -10.11
C ILE C 31 11.62 4.91 -11.17
N ILE C 32 12.86 4.68 -10.74
CA ILE C 32 13.94 4.30 -11.66
C ILE C 32 13.61 2.98 -12.33
N LYS C 33 13.07 2.02 -11.55
CA LYS C 33 12.69 0.73 -12.11
C LYS C 33 11.70 0.88 -13.25
N ARG C 34 10.68 1.71 -13.06
CA ARG C 34 9.68 1.90 -14.10
C ARG C 34 10.27 2.41 -15.42
N PHE C 35 11.19 3.37 -15.33
CA PHE C 35 11.88 3.87 -16.51
C PHE C 35 12.79 2.81 -17.17
N GLU C 36 13.55 2.06 -16.37
CA GLU C 36 14.38 0.96 -16.89
C GLU C 36 13.52 -0.11 -17.54
N ASN C 37 12.42 -0.46 -16.89
CA ASN C 37 11.53 -1.52 -17.39
C ASN C 37 10.96 -1.18 -18.79
N LYS C 38 10.69 0.09 -19.01
CA LYS C 38 10.12 0.60 -20.26
C LYS C 38 11.10 0.51 -21.44
N GLY C 39 12.39 0.48 -21.15
CA GLY C 39 13.42 0.47 -22.18
C GLY C 39 14.18 1.76 -22.35
N TYR C 40 13.89 2.73 -21.49
CA TYR C 40 14.65 3.98 -21.52
C TYR C 40 16.05 3.83 -20.90
N LYS C 41 16.99 4.66 -21.36
CA LYS C 41 18.38 4.53 -20.95
C LYS C 41 18.77 5.69 -20.04
N LEU C 42 19.33 5.37 -18.87
CA LEU C 42 19.77 6.33 -17.89
C LEU C 42 21.14 6.87 -18.28
N VAL C 43 21.22 8.17 -18.54
CA VAL C 43 22.48 8.81 -18.94
C VAL C 43 22.95 9.92 -17.97
N GLY C 44 22.15 10.23 -16.96
CA GLY C 44 22.56 11.14 -15.88
C GLY C 44 21.76 10.85 -14.62
N LEU C 45 22.41 10.94 -13.48
CA LEU C 45 21.78 10.63 -12.21
C LEU C 45 22.56 11.30 -11.07
N LYS C 46 21.85 12.00 -10.21
CA LYS C 46 22.45 12.47 -9.00
C LYS C 46 21.42 12.87 -7.96
N LEU C 47 21.85 12.79 -6.72
CA LEU C 47 21.12 13.28 -5.57
C LEU C 47 21.68 14.64 -5.23
N LEU C 48 20.81 15.63 -5.08
CA LEU C 48 21.26 16.97 -4.69
C LEU C 48 20.16 17.68 -3.94
N GLN C 49 20.54 18.74 -3.24
CA GLN C 49 19.53 19.54 -2.53
CA GLN C 49 19.66 19.56 -2.46
C GLN C 49 19.43 20.84 -3.25
N PRO C 50 18.31 21.02 -3.97
CA PRO C 50 18.16 22.30 -4.64
C PRO C 50 18.18 23.49 -3.67
N THR C 51 18.73 24.60 -4.11
CA THR C 51 18.54 25.84 -3.43
C THR C 51 17.18 26.45 -3.83
N GLU C 52 16.70 27.40 -3.03
CA GLU C 52 15.44 28.04 -3.35
C GLU C 52 15.52 28.73 -4.72
N GLU C 53 16.66 29.37 -4.99
CA GLU C 53 16.83 30.04 -6.26
C GLU C 53 16.83 29.07 -7.44
N GLN C 54 17.43 27.91 -7.29
CA GLN C 54 17.38 26.88 -8.32
C GLN C 54 15.95 26.46 -8.56
N ALA C 55 15.18 26.29 -7.49
CA ALA C 55 13.77 25.92 -7.60
C ALA C 55 12.96 27.01 -8.36
N LYS C 56 13.16 28.27 -7.96
CA LYS C 56 12.51 29.40 -8.61
C LYS C 56 12.77 29.41 -10.11
N GLN C 57 14.01 29.14 -10.49
CA GLN C 57 14.38 29.12 -11.92
C GLN C 57 13.80 27.89 -12.66
N HIS C 58 13.89 26.72 -12.05
CA HIS C 58 13.35 25.49 -12.64
C HIS C 58 11.86 25.66 -12.97
N TYR C 59 11.12 26.30 -12.07
CA TYR C 59 9.69 26.55 -12.24
C TYR C 59 9.38 28.03 -12.62
N ILE C 60 10.32 28.72 -13.27
CA ILE C 60 10.17 30.15 -13.57
C ILE C 60 8.85 30.52 -14.29
N ASP C 61 8.39 29.67 -15.20
CA ASP C 61 7.17 29.94 -15.97
C ASP C 61 5.94 30.07 -15.06
N LEU C 62 6.03 29.54 -13.86
CA LEU C 62 4.91 29.50 -12.93
C LEU C 62 4.98 30.56 -11.83
N ALA C 63 5.90 31.53 -11.96
CA ALA C 63 6.13 32.59 -10.96
C ALA C 63 4.88 33.35 -10.53
N SER C 64 3.92 33.55 -11.43
CA SER C 64 2.71 34.29 -11.08
C SER C 64 1.64 33.45 -10.35
N LYS C 65 1.80 32.13 -10.33
CA LYS C 65 0.74 31.26 -9.79
C LYS C 65 0.69 31.33 -8.29
N PRO C 66 -0.51 31.15 -7.71
CA PRO C 66 -0.60 31.34 -6.27
C PRO C 66 0.17 30.28 -5.45
N PHE C 67 0.41 29.11 -6.04
CA PHE C 67 1.11 28.00 -5.35
C PHE C 67 2.64 28.07 -5.52
N TYR C 68 3.14 29.10 -6.21
CA TYR C 68 4.58 29.11 -6.56
C TYR C 68 5.50 29.17 -5.34
N SER C 69 5.22 30.05 -4.38
CA SER C 69 6.14 30.18 -3.26
C SER C 69 6.20 28.86 -2.47
N GLY C 70 5.07 28.18 -2.30
CA GLY C 70 5.09 26.89 -1.59
C GLY C 70 5.79 25.79 -2.39
N LEU C 71 5.62 25.82 -3.71
CA LEU C 71 6.26 24.86 -4.61
C LEU C 71 7.78 24.99 -4.51
N VAL C 72 8.24 26.23 -4.62
CA VAL C 72 9.66 26.56 -4.63
C VAL C 72 10.31 26.24 -3.27
N SER C 73 9.59 26.55 -2.18
CA SER C 73 10.03 26.26 -0.82
CA SER C 73 10.05 26.26 -0.83
C SER C 73 10.17 24.76 -0.59
N TYR C 74 9.17 24.01 -1.00
CA TYR C 74 9.17 22.58 -0.80
C TYR C 74 10.24 21.88 -1.64
N PHE C 75 10.34 22.27 -2.91
CA PHE C 75 11.29 21.67 -3.84
C PHE C 75 12.72 21.85 -3.32
N SER C 76 12.96 22.90 -2.55
CA SER C 76 14.27 23.16 -1.99
C SER C 76 14.41 22.72 -0.52
N SER C 77 13.44 21.98 -0.01
CA SER C 77 13.40 21.60 1.43
C SER C 77 14.27 20.40 1.79
N GLY C 78 14.72 19.66 0.79
CA GLY C 78 15.45 18.44 1.04
C GLY C 78 15.91 17.89 -0.28
N PRO C 79 16.50 16.71 -0.26
CA PRO C 79 17.11 16.20 -1.48
C PRO C 79 16.09 15.84 -2.54
N ILE C 80 16.50 16.00 -3.79
CA ILE C 80 15.84 15.41 -4.95
C ILE C 80 16.77 14.42 -5.62
N VAL C 81 16.25 13.55 -6.45
CA VAL C 81 17.10 12.78 -7.36
C VAL C 81 16.85 13.28 -8.78
N GLY C 82 17.87 13.83 -9.41
CA GLY C 82 17.74 14.32 -10.77
C GLY C 82 18.24 13.27 -11.76
N MET C 83 17.53 13.10 -12.86
CA MET C 83 17.83 12.07 -13.87
C MET C 83 17.70 12.58 -15.29
N VAL C 84 18.54 12.07 -16.20
CA VAL C 84 18.37 12.29 -17.65
C VAL C 84 18.18 10.89 -18.24
N TRP C 85 17.06 10.71 -18.94
CA TRP C 85 16.71 9.46 -19.60
C TRP C 85 16.71 9.71 -21.08
N GLU C 86 17.09 8.71 -21.85
CA GLU C 86 17.20 8.84 -23.29
C GLU C 86 16.38 7.72 -23.90
N GLY C 87 15.62 8.07 -24.93
CA GLY C 87 14.93 7.09 -25.74
C GLY C 87 13.95 7.77 -26.69
N LEU C 88 13.46 6.99 -27.65
CA LEU C 88 12.41 7.42 -28.58
C LEU C 88 11.20 7.90 -27.81
N GLY C 89 10.83 9.15 -28.05
CA GLY C 89 9.61 9.69 -27.47
C GLY C 89 9.67 9.81 -25.96
N VAL C 90 10.87 9.89 -25.40
CA VAL C 90 11.07 9.80 -23.95
C VAL C 90 10.46 11.01 -23.19
N VAL C 91 10.38 12.19 -23.83
CA VAL C 91 9.77 13.36 -23.13
C VAL C 91 8.30 13.09 -22.84
N LYS C 92 7.55 12.76 -23.89
CA LYS C 92 6.13 12.44 -23.74
C LYS C 92 5.95 11.17 -22.90
N GLY C 93 6.76 10.16 -23.22
CA GLY C 93 6.63 8.85 -22.59
C GLY C 93 6.93 8.90 -21.09
N GLY C 94 7.91 9.69 -20.70
CA GLY C 94 8.21 9.84 -19.29
C GLY C 94 7.03 10.42 -18.53
N ARG C 95 6.40 11.44 -19.11
CA ARG C 95 5.22 12.04 -18.51
C ARG C 95 4.07 11.07 -18.41
N VAL C 96 3.92 10.20 -19.40
CA VAL C 96 2.88 9.17 -19.32
C VAL C 96 3.18 8.23 -18.12
N LEU C 97 4.45 7.91 -17.91
CA LEU C 97 4.83 7.04 -16.80
C LEU C 97 4.54 7.73 -15.49
N LEU C 98 4.74 9.05 -15.44
CA LEU C 98 4.48 9.80 -14.21
C LEU C 98 3.00 9.89 -13.85
N GLY C 99 2.17 10.04 -14.88
CA GLY C 99 0.73 10.25 -14.71
C GLY C 99 0.38 11.71 -14.58
N ALA C 100 -0.91 11.97 -14.52
CA ALA C 100 -1.45 13.33 -14.49
C ALA C 100 -0.85 14.15 -13.34
N THR C 101 -0.66 15.42 -13.58
CA THR C 101 -0.07 16.36 -12.62
C THR C 101 -0.69 16.27 -11.25
N ASN C 102 -2.01 16.35 -11.22
CA ASN C 102 -2.79 16.15 -10.02
C ASN C 102 -3.10 14.66 -9.87
N PRO C 103 -2.55 14.04 -8.81
CA PRO C 103 -2.75 12.61 -8.64
C PRO C 103 -4.19 12.17 -8.59
N ALA C 104 -5.11 13.05 -8.20
CA ALA C 104 -6.57 12.70 -8.21
C ALA C 104 -7.05 12.40 -9.62
N ASP C 105 -6.34 12.94 -10.61
CA ASP C 105 -6.63 12.70 -12.03
C ASP C 105 -5.79 11.59 -12.67
N SER C 106 -4.83 11.02 -11.92
CA SER C 106 -3.90 10.04 -12.47
CA SER C 106 -3.91 10.04 -12.49
C SER C 106 -4.51 8.66 -12.38
N LEU C 107 -4.09 7.78 -13.27
CA LEU C 107 -4.63 6.45 -13.31
C LEU C 107 -3.68 5.43 -12.64
N PRO C 108 -4.27 4.41 -12.01
CA PRO C 108 -3.45 3.32 -11.49
C PRO C 108 -2.55 2.78 -12.61
N GLY C 109 -1.33 2.37 -12.27
CA GLY C 109 -0.33 2.05 -13.27
C GLY C 109 0.74 3.10 -13.38
N THR C 110 0.37 4.36 -13.18
CA THR C 110 1.33 5.44 -13.22
C THR C 110 1.91 5.66 -11.85
N ILE C 111 2.98 6.41 -11.80
CA ILE C 111 3.67 6.68 -10.54
C ILE C 111 2.77 7.50 -9.60
N ARG C 112 2.19 8.58 -10.09
CA ARG C 112 1.25 9.36 -9.26
C ARG C 112 -0.04 8.60 -8.95
N GLY C 113 -0.53 7.87 -9.93
CA GLY C 113 -1.70 7.00 -9.69
C GLY C 113 -1.51 5.97 -8.59
N ASP C 114 -0.30 5.43 -8.46
CA ASP C 114 -0.03 4.35 -7.54
C ASP C 114 0.41 4.88 -6.21
N PHE C 115 1.05 6.04 -6.17
CA PHE C 115 1.80 6.46 -4.98
C PHE C 115 1.49 7.84 -4.41
N ALA C 116 0.64 8.67 -5.04
CA ALA C 116 0.44 10.02 -4.55
C ALA C 116 -1.02 10.45 -4.49
N VAL C 117 -1.29 11.43 -3.63
CA VAL C 117 -2.67 11.92 -3.40
C VAL C 117 -2.89 13.37 -3.81
N ASP C 118 -1.93 14.22 -3.45
CA ASP C 118 -2.08 15.66 -3.43
C ASP C 118 -1.21 16.33 -4.51
N VAL C 119 -1.77 17.32 -5.19
CA VAL C 119 -1.06 17.92 -6.36
C VAL C 119 0.28 18.56 -5.92
N GLY C 120 0.33 19.04 -4.68
CA GLY C 120 1.55 19.62 -4.09
C GLY C 120 2.52 18.61 -3.51
N ARG C 121 2.11 17.35 -3.45
CA ARG C 121 2.98 16.27 -3.00
C ARG C 121 2.86 15.14 -4.01
N ASN C 122 3.28 15.45 -5.23
CA ASN C 122 3.06 14.58 -6.39
C ASN C 122 4.34 13.86 -6.85
N VAL C 123 5.28 13.79 -5.90
CA VAL C 123 6.40 12.82 -5.90
CA VAL C 123 6.45 12.89 -5.87
C VAL C 123 7.48 13.03 -6.98
N CYS C 124 7.13 13.64 -8.10
CA CYS C 124 8.07 13.66 -9.24
C CYS C 124 7.82 14.84 -10.20
N HIS C 125 8.80 15.06 -11.08
CA HIS C 125 8.74 16.08 -12.14
C HIS C 125 9.20 15.46 -13.43
N GLY C 126 8.60 15.85 -14.55
CA GLY C 126 9.14 15.55 -15.88
C GLY C 126 9.04 16.72 -16.84
N SER C 127 10.06 16.92 -17.67
CA SER C 127 10.07 18.01 -18.64
C SER C 127 8.84 17.90 -19.53
N ASP C 128 8.29 19.05 -19.90
CA ASP C 128 7.05 19.03 -20.66
C ASP C 128 7.20 19.13 -22.17
N SER C 129 8.42 19.30 -22.68
CA SER C 129 8.62 19.35 -24.12
C SER C 129 10.06 19.06 -24.44
N VAL C 130 10.36 18.82 -25.73
CA VAL C 130 11.73 18.59 -26.15
C VAL C 130 12.60 19.80 -25.78
N GLU C 131 12.11 21.00 -26.10
CA GLU C 131 12.93 22.20 -25.83
C GLU C 131 13.10 22.46 -24.33
N SER C 132 12.05 22.29 -23.52
CA SER C 132 12.23 22.51 -22.06
C SER C 132 13.12 21.42 -21.44
N ALA C 133 13.09 20.21 -22.01
CA ALA C 133 13.97 19.12 -21.49
C ALA C 133 15.42 19.48 -21.72
N LYS C 134 15.73 20.01 -22.92
CA LYS C 134 17.08 20.51 -23.19
C LYS C 134 17.50 21.59 -22.18
N ARG C 135 16.59 22.51 -21.89
CA ARG C 135 16.90 23.60 -20.97
C ARG C 135 17.13 23.02 -19.56
N GLU C 136 16.31 22.08 -19.14
CA GLU C 136 16.41 21.52 -17.81
C GLU C 136 17.67 20.67 -17.63
N ILE C 137 18.01 19.86 -18.63
CA ILE C 137 19.21 19.06 -18.59
C ILE C 137 20.42 19.98 -18.43
N ALA C 138 20.49 21.01 -19.24
CA ALA C 138 21.62 21.96 -19.19
C ALA C 138 21.65 22.73 -17.87
N PHE C 139 20.48 22.94 -17.24
CA PHE C 139 20.41 23.66 -15.97
C PHE C 139 20.97 22.82 -14.82
N TRP C 140 20.60 21.54 -14.75
CA TRP C 140 20.96 20.66 -13.65
C TRP C 140 22.22 19.83 -13.80
N PHE C 141 22.69 19.63 -15.03
CA PHE C 141 23.83 18.77 -15.31
C PHE C 141 24.88 19.52 -16.14
N LYS C 142 26.14 19.43 -15.72
CA LYS C 142 27.29 19.84 -16.55
C LYS C 142 27.55 18.76 -17.60
N ALA C 143 28.19 19.17 -18.70
CA ALA C 143 28.44 18.30 -19.84
C ALA C 143 29.14 17.03 -19.38
N GLU C 144 30.15 17.18 -18.51
CA GLU C 144 30.96 16.04 -18.11
C GLU C 144 30.24 15.09 -17.17
N GLU C 145 29.05 15.46 -16.68
CA GLU C 145 28.29 14.58 -15.78
C GLU C 145 27.41 13.57 -16.48
N LEU C 146 27.13 13.77 -17.77
CA LEU C 146 26.34 12.79 -18.53
C LEU C 146 27.24 11.63 -18.93
N VAL C 147 26.66 10.43 -19.07
CA VAL C 147 27.45 9.29 -19.52
C VAL C 147 26.80 8.76 -20.77
N SER C 148 27.52 8.76 -21.87
CA SER C 148 27.03 8.20 -23.10
CA SER C 148 27.01 8.18 -23.10
C SER C 148 27.49 6.74 -23.22
N TRP C 149 26.55 5.84 -23.45
CA TRP C 149 26.86 4.41 -23.52
C TRP C 149 25.81 3.77 -24.34
N THR C 150 26.09 2.56 -24.80
CA THR C 150 25.16 1.85 -25.66
C THR C 150 24.57 0.73 -24.88
N SER C 151 23.24 0.68 -24.77
CA SER C 151 22.59 -0.48 -24.17
C SER C 151 22.83 -1.73 -25.00
N HIS C 152 23.23 -2.80 -24.33
CA HIS C 152 23.36 -4.11 -24.97
C HIS C 152 22.04 -4.59 -25.54
N SER C 153 20.93 -4.00 -25.05
CA SER C 153 19.57 -4.35 -25.52
C SER C 153 18.99 -3.44 -26.61
N VAL C 154 19.80 -2.51 -27.15
CA VAL C 154 19.26 -1.51 -28.10
C VAL C 154 18.54 -2.12 -29.34
N LYS C 155 19.03 -3.23 -29.87
CA LYS C 155 18.42 -3.86 -31.04
C LYS C 155 17.18 -4.71 -30.71
N GLN C 156 17.00 -5.02 -29.42
CA GLN C 156 15.80 -5.69 -28.94
CA GLN C 156 15.79 -5.69 -28.95
C GLN C 156 14.68 -4.67 -28.67
N ILE C 157 15.06 -3.43 -28.35
CA ILE C 157 14.10 -2.35 -28.04
C ILE C 157 13.69 -1.55 -29.29
N TYR C 158 14.62 -1.40 -30.23
CA TYR C 158 14.39 -0.60 -31.44
C TYR C 158 14.57 -1.41 -32.71
N GLU C 159 13.61 -1.29 -33.60
CA GLU C 159 13.65 -1.93 -34.90
C GLU C 159 14.73 -1.32 -35.79
N ARG C 160 14.78 0.01 -35.84
CA ARG C 160 15.75 0.76 -36.66
C ARG C 160 17.20 0.51 -36.28
N ALA C 161 17.47 0.41 -34.98
CA ALA C 161 18.80 0.06 -34.47
C ALA C 161 19.20 -1.31 -35.02
PB GDP D . -20.18 -1.35 -7.53
O1B GDP D . -19.80 -2.66 -6.93
O2B GDP D . -19.26 -0.92 -8.67
O3B GDP D . -20.56 -0.21 -6.60
O3A GDP D . -21.52 -1.72 -8.41
PA GDP D . -23.09 -1.73 -7.95
O1A GDP D . -23.29 -1.12 -6.59
O2A GDP D . -23.87 -1.08 -9.08
O5' GDP D . -23.43 -3.30 -7.91
C5' GDP D . -23.08 -4.00 -6.72
C4' GDP D . -22.47 -5.34 -7.08
O4' GDP D . -23.46 -6.11 -7.74
C3' GDP D . -21.30 -5.23 -8.06
O3' GDP D . -20.05 -4.89 -7.44
C2' GDP D . -21.35 -6.60 -8.65
O2' GDP D . -20.73 -7.50 -7.76
C1' GDP D . -22.85 -6.94 -8.71
N9 GDP D . -23.45 -6.59 -10.02
C8 GDP D . -23.63 -5.34 -10.51
N7 GDP D . -24.20 -5.39 -11.71
C5 GDP D . -24.40 -6.69 -12.01
C6 GDP D . -24.93 -7.44 -13.16
O6 GDP D . -25.38 -6.86 -14.17
N1 GDP D . -24.94 -8.75 -13.06
C2 GDP D . -24.47 -9.42 -11.99
N2 GDP D . -24.53 -10.77 -12.01
N3 GDP D . -23.95 -8.83 -10.91
C4 GDP D . -23.90 -7.48 -10.88
MG MG E . -22.11 0.04 -5.27
PB GDP F . 10.35 -12.42 19.44
O1B GDP F . 9.34 -13.40 19.96
O2B GDP F . 11.29 -13.07 18.45
O3B GDP F . 9.74 -11.14 18.90
O3A GDP F . 11.35 -11.94 20.64
PA GDP F . 11.07 -11.77 22.22
O1A GDP F . 12.25 -12.25 22.98
O2A GDP F . 9.71 -12.33 22.58
O5' GDP F . 11.06 -10.18 22.40
C5' GDP F . 9.88 -9.39 22.19
C4' GDP F . 10.26 -8.11 21.45
O4' GDP F . 11.06 -7.29 22.32
C3' GDP F . 11.13 -8.35 20.23
O3' GDP F . 10.37 -8.68 19.05
C2' GDP F . 11.89 -7.05 20.12
O2' GDP F . 11.12 -6.06 19.43
C1' GDP F . 12.06 -6.63 21.57
N9 GDP F . 13.39 -7.01 22.07
C8 GDP F . 13.88 -8.26 22.24
N7 GDP F . 15.15 -8.21 22.66
C5 GDP F . 15.49 -6.91 22.75
C6 GDP F . 16.65 -6.13 23.14
O6 GDP F . 17.71 -6.71 23.50
N1 GDP F . 16.58 -4.80 23.11
C2 GDP F . 15.48 -4.14 22.73
N2 GDP F . 15.48 -2.78 22.72
N3 GDP F . 14.36 -4.78 22.36
C4 GDP F . 14.31 -6.14 22.36
MG MG G . 8.27 -13.51 21.52
C1 MPD H . 1.56 -16.04 27.52
C2 MPD H . 1.75 -14.96 26.46
O2 MPD H . 2.59 -13.90 26.94
CM MPD H . 2.39 -15.55 25.20
C3 MPD H . 0.38 -14.38 26.14
C4 MPD H . -0.25 -13.52 27.24
O4 MPD H . -0.86 -12.43 26.56
C5 MPD H . -1.33 -14.25 28.05
PB GDP I . 3.79 19.38 -14.47
O1B GDP I . 4.57 18.95 -13.25
O2B GDP I . 2.77 18.35 -14.95
O3B GDP I . 4.69 19.80 -15.61
O3A GDP I . 2.84 20.62 -14.08
PA GDP I . 3.27 22.16 -13.93
O1A GDP I . 4.64 22.39 -14.48
O2A GDP I . 2.15 23.00 -14.46
O5' GDP I . 3.30 22.43 -12.36
C5' GDP I . 4.51 22.23 -11.63
C4' GDP I . 4.21 21.61 -10.30
O4' GDP I . 3.47 22.55 -9.52
C3' GDP I . 3.32 20.36 -10.37
O3' GDP I . 4.02 19.14 -10.71
C2' GDP I . 2.71 20.38 -8.98
O2' GDP I . 3.58 19.79 -8.01
C1' GDP I . 2.57 21.85 -8.65
N9 GDP I . 1.21 22.34 -8.95
C8 GDP I . 0.67 22.44 -10.19
N7 GDP I . -0.59 22.94 -10.11
C5 GDP I . -0.84 23.15 -8.79
C6 GDP I . -1.98 23.67 -8.04
O6 GDP I . -3.03 24.01 -8.62
N1 GDP I . -1.87 23.74 -6.74
C2 GDP I . -0.78 23.35 -6.09
N2 GDP I . -0.82 23.48 -4.77
N3 GDP I . 0.36 22.86 -6.70
C4 GDP I . 0.34 22.76 -8.04
MG MG J . 6.03 21.32 -15.55
#